data_8RNL
#
_entry.id   8RNL
#
_cell.length_a   75.405
_cell.length_b   75.405
_cell.length_c   186.254
_cell.angle_alpha   90.00
_cell.angle_beta   90.00
_cell.angle_gamma   90.00
#
_symmetry.space_group_name_H-M   'P 43 21 2'
#
loop_
_entity.id
_entity.type
_entity.pdbx_description
1 polymer 'Unspecific peroxygenase'
2 non-polymer 2-acetamido-2-deoxy-beta-D-glucopyranose
3 non-polymer 'LAURIC ACID'
4 non-polymer 'PROTOPORPHYRIN IX CONTAINING FE'
5 non-polymer DI(HYDROXYETHYL)ETHER
6 non-polymer GLYCEROL
7 non-polymer 'MAGNESIUM ION'
8 non-polymer 'SULFATE ION'
9 water water
#
_entity_poly.entity_id   1
_entity_poly.type   'polypeptide(L)'
_entity_poly.pdbx_seq_one_letter_code
;AVDFSAHPWKAPGPNDSRGPCPGLNTLANHGFLPRNGRNISVPMIVKAGFEGYNVQSDILILAGKVGMLTSREADTISLE
DLKLHGTIEHDASLSREDVAIGDNLHFNEAIFTTLANSNPGADVYNISSAAQVQHDRLADSVARNPNVTNTDLTATIRSS
ESAFYLTVMSAGDPLRGEAPKKFVNVFFQEERMPIKEGWKRSTTPINLPLLGPIIDRITELSDWKPTGDNCGAIVLGPGL
;
_entity_poly.pdbx_strand_id   A,B
#
loop_
_chem_comp.id
_chem_comp.type
_chem_comp.name
_chem_comp.formula
DAO non-polymer 'LAURIC ACID' 'C12 H24 O2'
GOL non-polymer GLYCEROL 'C3 H8 O3'
HEM non-polymer 'PROTOPORPHYRIN IX CONTAINING FE' 'C34 H32 Fe N4 O4'
MG non-polymer 'MAGNESIUM ION' 'Mg 2'
NAG D-saccharide, beta linking 2-acetamido-2-deoxy-beta-D-glucopyranose 'C8 H15 N O6'
PEG non-polymer DI(HYDROXYETHYL)ETHER 'C4 H10 O3'
SO4 non-polymer 'SULFATE ION' 'O4 S -2'
#
# COMPACT_ATOMS: atom_id res chain seq x y z
N ALA A 1 -6.67 26.48 17.81
CA ALA A 1 -6.74 27.28 16.56
C ALA A 1 -7.70 26.68 15.53
N VAL A 2 -8.33 25.54 15.88
CA VAL A 2 -9.37 24.97 15.03
C VAL A 2 -10.72 25.54 15.47
N ASP A 3 -11.43 26.10 14.49
CA ASP A 3 -12.69 26.77 14.76
C ASP A 3 -13.80 25.93 14.15
N PHE A 4 -14.51 25.15 14.96
CA PHE A 4 -15.60 24.31 14.45
C PHE A 4 -16.75 25.13 13.88
N SER A 5 -16.96 26.35 14.41
CA SER A 5 -18.03 27.19 13.89
C SER A 5 -17.76 27.59 12.44
N ALA A 6 -16.48 27.56 12.00
CA ALA A 6 -16.12 27.86 10.62
C ALA A 6 -16.16 26.61 9.73
N HIS A 7 -16.61 25.49 10.30
CA HIS A 7 -16.72 24.20 9.60
C HIS A 7 -18.16 23.69 9.67
N PRO A 8 -19.15 24.40 9.10
CA PRO A 8 -20.54 23.95 9.13
C PRO A 8 -20.74 22.68 8.30
N TRP A 9 -21.63 21.81 8.79
CA TRP A 9 -22.09 20.69 7.96
C TRP A 9 -22.87 21.20 6.76
N LYS A 10 -22.55 20.64 5.59
CA LYS A 10 -23.34 20.85 4.38
C LYS A 10 -23.52 19.51 3.68
N ALA A 11 -24.75 19.24 3.24
CA ALA A 11 -25.05 18.01 2.54
C ALA A 11 -24.22 17.94 1.27
N PRO A 12 -23.65 16.78 0.89
CA PRO A 12 -22.91 16.69 -0.36
C PRO A 12 -23.85 16.85 -1.55
N GLY A 13 -23.37 17.53 -2.59
CA GLY A 13 -24.09 17.56 -3.86
C GLY A 13 -23.91 16.26 -4.62
N PRO A 14 -24.63 16.06 -5.73
CA PRO A 14 -24.62 14.79 -6.46
C PRO A 14 -23.27 14.43 -7.09
N ASN A 15 -22.40 15.42 -7.30
CA ASN A 15 -21.09 15.19 -7.91
C ASN A 15 -19.96 15.39 -6.90
N ASP A 16 -20.28 15.56 -5.60
CA ASP A 16 -19.28 15.56 -4.54
C ASP A 16 -18.92 14.10 -4.21
N SER A 17 -17.63 13.76 -4.27
CA SER A 17 -17.19 12.37 -4.10
C SER A 17 -17.29 11.97 -2.63
N ARG A 18 -17.97 10.85 -2.35
CA ARG A 18 -18.08 10.32 -1.02
C ARG A 18 -17.79 8.83 -1.12
N GLY A 19 -17.28 8.27 -0.03
CA GLY A 19 -16.82 6.89 -0.04
C GLY A 19 -17.58 6.04 0.96
N PRO A 20 -17.03 4.84 1.28
CA PRO A 20 -17.64 3.92 2.24
C PRO A 20 -17.29 4.21 3.69
N CYS A 21 -16.49 5.26 3.92
CA CYS A 21 -16.00 5.58 5.25
C CYS A 21 -16.74 6.76 5.85
N PRO A 22 -17.53 6.58 6.93
CA PRO A 22 -18.21 7.71 7.57
C PRO A 22 -17.23 8.71 8.18
N GLY A 23 -16.06 8.26 8.59
CA GLY A 23 -15.08 9.16 9.18
C GLY A 23 -14.62 10.22 8.19
N LEU A 24 -14.17 9.79 7.02
CA LEU A 24 -13.67 10.70 6.01
C LEU A 24 -14.83 11.49 5.39
N ASN A 25 -15.98 10.85 5.21
CA ASN A 25 -17.12 11.54 4.62
C ASN A 25 -17.56 12.70 5.53
N THR A 26 -17.58 12.45 6.83
CA THR A 26 -17.98 13.47 7.79
C THR A 26 -17.00 14.63 7.75
N LEU A 27 -15.69 14.35 7.68
CA LEU A 27 -14.72 15.42 7.60
C LEU A 27 -14.95 16.26 6.36
N ALA A 28 -15.25 15.63 5.22
CA ALA A 28 -15.53 16.36 3.98
C ALA A 28 -16.80 17.19 4.13
N ASN A 29 -17.82 16.66 4.81
CA ASN A 29 -19.11 17.35 4.92
C ASN A 29 -19.02 18.60 5.79
N HIS A 30 -17.92 18.71 6.54
CA HIS A 30 -17.63 19.86 7.37
C HIS A 30 -16.47 20.69 6.82
N GLY A 31 -15.94 20.35 5.64
CA GLY A 31 -14.86 21.12 5.04
C GLY A 31 -13.50 20.97 5.72
N PHE A 32 -13.32 19.95 6.58
CA PHE A 32 -12.00 19.63 7.10
C PHE A 32 -11.18 18.94 6.00
N LEU A 33 -11.87 18.16 5.15
CA LEU A 33 -11.36 17.75 3.86
C LEU A 33 -12.14 18.52 2.82
N PRO A 34 -11.64 18.59 1.56
CA PRO A 34 -12.36 19.28 0.49
C PRO A 34 -13.80 18.78 0.39
N ARG A 35 -14.76 19.71 0.33
CA ARG A 35 -16.16 19.32 0.26
C ARG A 35 -16.45 18.50 -1.00
N ASN A 36 -15.67 18.66 -2.08
CA ASN A 36 -15.90 17.88 -3.29
C ASN A 36 -15.34 16.47 -3.18
N GLY A 37 -14.63 16.18 -2.08
CA GLY A 37 -14.15 14.83 -1.83
C GLY A 37 -13.03 14.39 -2.77
N ARG A 38 -12.36 15.32 -3.46
CA ARG A 38 -11.39 14.98 -4.50
CA ARG A 38 -11.38 14.98 -4.49
C ARG A 38 -9.99 15.55 -4.16
N ASN A 39 -8.97 14.97 -4.79
CA ASN A 39 -7.61 15.47 -4.74
C ASN A 39 -7.10 15.44 -3.29
N ILE A 40 -7.37 14.34 -2.57
CA ILE A 40 -7.08 14.21 -1.15
C ILE A 40 -5.80 13.38 -0.97
N SER A 41 -4.84 13.95 -0.26
CA SER A 41 -3.55 13.33 0.03
C SER A 41 -3.53 12.80 1.47
N VAL A 42 -2.52 11.99 1.81
CA VAL A 42 -2.39 11.51 3.18
C VAL A 42 -2.11 12.68 4.12
N PRO A 43 -1.22 13.65 3.80
CA PRO A 43 -1.05 14.80 4.70
C PRO A 43 -2.37 15.52 4.98
N MET A 44 -3.25 15.63 3.97
CA MET A 44 -4.54 16.26 4.16
C MET A 44 -5.41 15.46 5.13
N ILE A 45 -5.38 14.13 4.99
CA ILE A 45 -6.13 13.28 5.89
C ILE A 45 -5.61 13.38 7.33
N VAL A 46 -4.28 13.37 7.49
CA VAL A 46 -3.65 13.49 8.80
C VAL A 46 -4.12 14.79 9.47
N LYS A 47 -4.06 15.91 8.75
CA LYS A 47 -4.43 17.19 9.33
C LYS A 47 -5.92 17.21 9.66
N ALA A 48 -6.77 16.72 8.73
CA ALA A 48 -8.22 16.75 8.94
C ALA A 48 -8.63 15.88 10.12
N GLY A 49 -8.05 14.69 10.24
CA GLY A 49 -8.41 13.81 11.35
C GLY A 49 -7.96 14.33 12.71
N PHE A 50 -6.80 15.02 12.71
CA PHE A 50 -6.33 15.68 13.91
C PHE A 50 -7.28 16.80 14.31
N GLU A 51 -7.57 17.70 13.36
CA GLU A 51 -8.39 18.88 13.65
C GLU A 51 -9.82 18.46 14.05
N GLY A 52 -10.41 17.52 13.29
CA GLY A 52 -11.80 17.15 13.49
C GLY A 52 -12.03 16.27 14.71
N TYR A 53 -11.13 15.29 14.94
CA TYR A 53 -11.42 14.18 15.82
C TYR A 53 -10.33 13.95 16.88
N ASN A 54 -9.19 14.64 16.76
CA ASN A 54 -8.01 14.38 17.60
C ASN A 54 -7.49 12.97 17.38
N VAL A 55 -7.62 12.48 16.14
CA VAL A 55 -6.98 11.23 15.74
C VAL A 55 -5.57 11.56 15.25
N GLN A 56 -4.59 10.78 15.73
CA GLN A 56 -3.18 11.09 15.53
C GLN A 56 -2.65 10.48 14.22
N SER A 57 -1.43 10.91 13.86
CA SER A 57 -0.86 10.61 12.57
C SER A 57 -0.49 9.13 12.43
N ASP A 58 -0.22 8.42 13.54
CA ASP A 58 0.20 7.03 13.46
C ASP A 58 -0.81 6.20 12.67
N ILE A 59 -2.08 6.24 13.08
CA ILE A 59 -3.09 5.41 12.44
C ILE A 59 -3.44 6.00 11.07
N LEU A 60 -3.45 7.33 10.94
CA LEU A 60 -3.89 7.93 9.68
C LEU A 60 -2.85 7.78 8.57
N ILE A 61 -1.56 7.75 8.90
CA ILE A 61 -0.53 7.50 7.91
C ILE A 61 -0.63 6.04 7.45
N LEU A 62 -0.76 5.11 8.40
CA LEU A 62 -0.82 3.68 8.09
C LEU A 62 -2.03 3.41 7.18
N ALA A 63 -3.23 3.82 7.61
CA ALA A 63 -4.44 3.58 6.85
C ALA A 63 -4.46 4.40 5.56
N GLY A 64 -4.04 5.66 5.66
CA GLY A 64 -4.04 6.58 4.53
C GLY A 64 -3.25 6.05 3.34
N LYS A 65 -2.03 5.54 3.59
CA LYS A 65 -1.19 5.08 2.49
C LYS A 65 -1.76 3.81 1.86
N VAL A 66 -2.42 2.95 2.65
CA VAL A 66 -3.12 1.82 2.07
C VAL A 66 -4.27 2.33 1.20
N GLY A 67 -5.00 3.35 1.69
CA GLY A 67 -6.08 3.94 0.90
C GLY A 67 -5.63 4.56 -0.41
N MET A 68 -4.41 5.13 -0.45
CA MET A 68 -3.88 5.72 -1.65
C MET A 68 -3.80 4.69 -2.79
N LEU A 69 -3.66 3.40 -2.45
CA LEU A 69 -3.53 2.36 -3.45
C LEU A 69 -4.77 2.27 -4.35
N THR A 70 -5.92 2.78 -3.89
CA THR A 70 -7.19 2.58 -4.57
C THR A 70 -7.37 3.47 -5.80
N SER A 71 -6.52 4.50 -5.95
CA SER A 71 -6.62 5.41 -7.08
C SER A 71 -5.54 5.12 -8.12
N ARG A 72 -5.65 5.82 -9.26
CA ARG A 72 -4.66 5.77 -10.33
C ARG A 72 -3.70 6.96 -10.23
N GLU A 73 -3.82 7.79 -9.19
CA GLU A 73 -3.01 8.99 -9.10
C GLU A 73 -1.78 8.75 -8.23
N ALA A 74 -0.75 9.60 -8.42
CA ALA A 74 0.52 9.45 -7.73
C ALA A 74 0.41 9.58 -6.20
N ASP A 75 -0.41 10.50 -5.67
CA ASP A 75 -0.42 10.73 -4.23
C ASP A 75 -1.76 11.28 -3.71
N THR A 76 -2.85 11.07 -4.45
CA THR A 76 -4.16 11.51 -3.99
C THR A 76 -5.20 10.46 -4.37
N ILE A 77 -6.36 10.57 -3.72
CA ILE A 77 -7.55 9.81 -4.06
C ILE A 77 -8.74 10.75 -4.12
N SER A 78 -9.84 10.23 -4.68
CA SER A 78 -11.18 10.69 -4.38
CA SER A 78 -11.17 10.70 -4.37
C SER A 78 -11.75 9.78 -3.29
N LEU A 79 -12.66 10.30 -2.47
CA LEU A 79 -13.21 9.45 -1.41
C LEU A 79 -13.90 8.22 -2.00
N GLU A 80 -14.57 8.35 -3.15
CA GLU A 80 -15.28 7.22 -3.72
C GLU A 80 -14.31 6.11 -4.12
N ASP A 81 -13.06 6.46 -4.46
CA ASP A 81 -12.06 5.45 -4.80
C ASP A 81 -11.91 4.39 -3.72
N LEU A 82 -12.11 4.76 -2.45
CA LEU A 82 -11.91 3.85 -1.33
C LEU A 82 -12.90 2.68 -1.32
N LYS A 83 -13.94 2.70 -2.18
CA LYS A 83 -14.85 1.57 -2.27
C LYS A 83 -14.18 0.35 -2.93
N LEU A 84 -12.96 0.50 -3.46
CA LEU A 84 -12.31 -0.61 -4.16
C LEU A 84 -12.29 -1.85 -3.26
N HIS A 85 -12.98 -2.89 -3.69
CA HIS A 85 -13.18 -4.06 -2.84
C HIS A 85 -11.85 -4.80 -2.67
N GLY A 86 -11.52 -5.10 -1.41
CA GLY A 86 -10.37 -5.92 -1.09
C GLY A 86 -9.06 -5.16 -0.94
N THR A 87 -9.07 -3.82 -1.00
CA THR A 87 -7.95 -3.05 -0.47
C THR A 87 -8.20 -2.83 1.01
N ILE A 88 -9.03 -1.85 1.37
CA ILE A 88 -9.58 -1.74 2.72
C ILE A 88 -11.03 -2.22 2.74
N GLU A 89 -11.83 -1.79 1.77
CA GLU A 89 -13.26 -2.11 1.77
C GLU A 89 -13.44 -3.64 1.82
N HIS A 90 -14.40 -4.04 2.65
CA HIS A 90 -14.60 -5.44 3.03
C HIS A 90 -16.08 -5.75 3.19
N ASP A 91 -16.37 -7.05 3.19
CA ASP A 91 -17.70 -7.54 3.51
C ASP A 91 -17.97 -7.40 5.00
N ALA A 92 -19.24 -7.58 5.37
CA ALA A 92 -19.67 -7.48 6.76
C ALA A 92 -19.34 -6.10 7.32
N SER A 93 -19.65 -5.06 6.52
CA SER A 93 -19.62 -3.69 7.01
C SER A 93 -20.81 -3.43 7.94
N LEU A 94 -20.72 -2.36 8.72
CA LEU A 94 -21.74 -2.00 9.71
C LEU A 94 -22.94 -1.29 9.07
N SER A 95 -22.73 -0.65 7.92
CA SER A 95 -23.72 0.26 7.36
C SER A 95 -23.79 0.21 5.83
N ARG A 96 -23.00 -0.66 5.20
CA ARG A 96 -22.96 -0.86 3.75
C ARG A 96 -23.23 -2.34 3.46
N GLU A 97 -23.65 -2.61 2.22
CA GLU A 97 -23.88 -3.98 1.77
C GLU A 97 -22.57 -4.54 1.21
N ASP A 98 -22.48 -5.87 1.17
CA ASP A 98 -21.38 -6.55 0.51
C ASP A 98 -21.47 -6.34 -1.00
N VAL A 99 -20.31 -6.08 -1.63
CA VAL A 99 -20.27 -5.68 -3.03
C VAL A 99 -20.86 -6.78 -3.94
N ALA A 100 -20.70 -8.05 -3.57
CA ALA A 100 -21.18 -9.12 -4.44
C ALA A 100 -22.71 -9.17 -4.51
N ILE A 101 -23.40 -8.65 -3.49
CA ILE A 101 -24.85 -8.77 -3.40
C ILE A 101 -25.52 -7.41 -3.22
N GLY A 102 -24.77 -6.31 -3.38
CA GLY A 102 -25.36 -5.00 -3.22
C GLY A 102 -24.33 -3.88 -3.30
N ASP A 103 -24.71 -2.75 -2.72
CA ASP A 103 -24.02 -1.47 -2.81
C ASP A 103 -23.04 -1.37 -1.65
N ASN A 104 -21.73 -1.37 -1.97
CA ASN A 104 -20.70 -1.36 -0.94
C ASN A 104 -20.25 0.04 -0.60
N LEU A 105 -20.96 1.06 -1.12
CA LEU A 105 -20.51 2.45 -1.08
C LEU A 105 -21.37 3.29 -0.13
N HIS A 106 -22.70 3.26 -0.31
CA HIS A 106 -23.63 4.16 0.35
C HIS A 106 -24.13 3.61 1.68
N PHE A 107 -24.42 4.52 2.61
CA PHE A 107 -25.11 4.19 3.84
C PHE A 107 -26.44 3.50 3.51
N ASN A 108 -26.72 2.41 4.23
CA ASN A 108 -27.95 1.64 4.06
C ASN A 108 -28.59 1.43 5.42
N GLU A 109 -29.79 1.99 5.62
CA GLU A 109 -30.45 1.95 6.92
C GLU A 109 -30.75 0.51 7.34
N ALA A 110 -31.14 -0.35 6.40
CA ALA A 110 -31.50 -1.73 6.72
C ALA A 110 -30.29 -2.49 7.28
N ILE A 111 -29.11 -2.28 6.68
CA ILE A 111 -27.89 -2.87 7.23
C ILE A 111 -27.62 -2.31 8.63
N PHE A 112 -27.72 -0.99 8.77
CA PHE A 112 -27.40 -0.28 10.00
C PHE A 112 -28.28 -0.69 11.19
N THR A 113 -29.45 -1.28 10.92
CA THR A 113 -30.37 -1.71 11.97
C THR A 113 -29.68 -2.53 13.06
N THR A 114 -28.75 -3.41 12.66
CA THR A 114 -28.10 -4.28 13.63
C THR A 114 -27.34 -3.43 14.66
N LEU A 115 -26.52 -2.50 14.17
CA LEU A 115 -25.80 -1.60 15.06
C LEU A 115 -26.78 -0.75 15.86
N ALA A 116 -27.78 -0.19 15.17
CA ALA A 116 -28.72 0.73 15.80
C ALA A 116 -29.43 0.08 16.98
N ASN A 117 -29.70 -1.23 16.87
CA ASN A 117 -30.44 -1.99 17.87
C ASN A 117 -29.54 -2.66 18.92
N SER A 118 -28.21 -2.45 18.84
CA SER A 118 -27.28 -3.08 19.76
C SER A 118 -27.26 -2.38 21.12
N ASN A 119 -26.71 -3.06 22.13
CA ASN A 119 -26.64 -2.61 23.51
C ASN A 119 -28.02 -2.17 24.02
N PRO A 120 -29.02 -3.08 23.97
CA PRO A 120 -30.33 -2.77 24.53
C PRO A 120 -30.25 -2.38 25.99
N GLY A 121 -31.03 -1.37 26.37
CA GLY A 121 -31.16 -0.97 27.76
C GLY A 121 -30.14 0.08 28.18
N ALA A 122 -29.31 0.55 27.25
CA ALA A 122 -28.30 1.56 27.55
C ALA A 122 -28.38 2.66 26.49
N ASP A 123 -27.82 3.83 26.80
CA ASP A 123 -27.84 4.94 25.86
C ASP A 123 -26.47 5.12 25.22
N VAL A 124 -25.59 4.11 25.37
CA VAL A 124 -24.27 4.10 24.73
C VAL A 124 -24.10 2.79 23.97
N TYR A 125 -23.25 2.82 22.94
CA TYR A 125 -22.65 1.62 22.38
C TYR A 125 -21.31 1.42 23.09
N ASN A 126 -20.87 0.16 23.27
CA ASN A 126 -19.62 -0.07 23.97
C ASN A 126 -18.91 -1.27 23.35
N ILE A 127 -17.85 -1.74 23.99
CA ILE A 127 -17.00 -2.77 23.40
C ILE A 127 -17.79 -4.07 23.23
N SER A 128 -18.60 -4.47 24.24
CA SER A 128 -19.33 -5.73 24.13
CA SER A 128 -19.35 -5.71 24.15
C SER A 128 -20.41 -5.64 23.06
N SER A 129 -21.12 -4.51 22.96
CA SER A 129 -22.12 -4.35 21.90
C SER A 129 -21.46 -4.34 20.52
N ALA A 130 -20.31 -3.65 20.40
CA ALA A 130 -19.60 -3.58 19.13
C ALA A 130 -19.22 -4.98 18.66
N ALA A 131 -18.77 -5.82 19.60
CA ALA A 131 -18.35 -7.18 19.28
C ALA A 131 -19.55 -8.00 18.79
N GLN A 132 -20.69 -7.86 19.46
CA GLN A 132 -21.91 -8.58 19.10
C GLN A 132 -22.33 -8.22 17.68
N VAL A 133 -22.27 -6.93 17.36
CA VAL A 133 -22.65 -6.45 16.05
C VAL A 133 -21.73 -7.06 14.99
N GLN A 134 -20.41 -7.06 15.24
CA GLN A 134 -19.49 -7.66 14.28
C GLN A 134 -19.81 -9.15 14.07
N HIS A 135 -20.05 -9.88 15.16
CA HIS A 135 -20.42 -11.28 15.04
C HIS A 135 -21.64 -11.47 14.13
N ASP A 136 -22.66 -10.64 14.36
CA ASP A 136 -23.93 -10.79 13.66
C ASP A 136 -23.81 -10.37 12.20
N ARG A 137 -23.05 -9.30 11.92
CA ARG A 137 -22.85 -8.84 10.54
C ARG A 137 -22.08 -9.90 9.74
N LEU A 138 -21.05 -10.52 10.35
CA LEU A 138 -20.30 -11.56 9.65
C LEU A 138 -21.22 -12.75 9.38
N ALA A 139 -22.02 -13.16 10.37
CA ALA A 139 -22.96 -14.26 10.19
C ALA A 139 -23.90 -13.97 9.01
N ASP A 140 -24.36 -12.73 8.88
CA ASP A 140 -25.23 -12.33 7.78
C ASP A 140 -24.53 -12.50 6.44
N SER A 141 -23.25 -12.06 6.33
CA SER A 141 -22.51 -12.21 5.10
C SER A 141 -22.30 -13.69 4.75
N VAL A 142 -21.99 -14.51 5.76
CA VAL A 142 -21.77 -15.93 5.53
C VAL A 142 -23.08 -16.57 5.05
N ALA A 143 -24.21 -16.10 5.56
CA ALA A 143 -25.52 -16.65 5.19
C ALA A 143 -25.91 -16.26 3.76
N ARG A 144 -25.62 -15.03 3.33
CA ARG A 144 -26.28 -14.46 2.17
C ARG A 144 -25.32 -14.15 1.01
N ASN A 145 -24.00 -14.14 1.25
CA ASN A 145 -23.06 -13.72 0.21
C ASN A 145 -22.22 -14.89 -0.24
N PRO A 146 -22.44 -15.48 -1.45
CA PRO A 146 -21.64 -16.61 -1.90
C PRO A 146 -20.17 -16.30 -2.18
N ASN A 147 -19.82 -15.00 -2.22
CA ASN A 147 -18.45 -14.56 -2.45
C ASN A 147 -17.81 -13.96 -1.20
N VAL A 148 -18.39 -14.21 -0.01
CA VAL A 148 -17.93 -13.62 1.25
C VAL A 148 -16.43 -13.83 1.44
N THR A 149 -15.73 -12.78 1.88
CA THR A 149 -14.33 -12.83 2.28
C THR A 149 -14.23 -12.47 3.76
N ASN A 150 -13.59 -13.35 4.53
CA ASN A 150 -13.42 -13.19 5.95
C ASN A 150 -12.05 -13.73 6.36
N THR A 151 -11.13 -12.82 6.64
CA THR A 151 -9.74 -13.17 6.95
C THR A 151 -9.34 -12.49 8.27
N ASP A 152 -8.17 -12.87 8.81
CA ASP A 152 -7.62 -12.17 9.97
C ASP A 152 -7.57 -10.67 9.69
N LEU A 153 -7.16 -10.31 8.46
CA LEU A 153 -7.01 -8.91 8.11
C LEU A 153 -8.37 -8.20 8.10
N THR A 154 -9.37 -8.76 7.42
CA THR A 154 -10.67 -8.08 7.38
C THR A 154 -11.24 -7.99 8.80
N ALA A 155 -11.03 -9.01 9.62
CA ALA A 155 -11.55 -9.02 10.99
C ALA A 155 -10.91 -7.89 11.81
N THR A 156 -9.61 -7.71 11.64
CA THR A 156 -8.86 -6.67 12.34
C THR A 156 -9.33 -5.29 11.88
N ILE A 157 -9.49 -5.12 10.57
CA ILE A 157 -9.94 -3.84 10.02
C ILE A 157 -11.33 -3.52 10.59
N ARG A 158 -12.21 -4.53 10.60
CA ARG A 158 -13.56 -4.34 11.14
C ARG A 158 -13.52 -3.87 12.60
N SER A 159 -12.70 -4.51 13.45
CA SER A 159 -12.59 -4.10 14.85
C SER A 159 -12.02 -2.69 14.96
N SER A 160 -11.10 -2.35 14.05
CA SER A 160 -10.50 -1.01 14.03
C SER A 160 -11.58 0.03 13.77
N GLU A 161 -12.47 -0.28 12.83
CA GLU A 161 -13.57 0.62 12.48
C GLU A 161 -14.54 0.77 13.65
N SER A 162 -14.88 -0.32 14.34
CA SER A 162 -15.72 -0.24 15.52
C SER A 162 -15.05 0.60 16.61
N ALA A 163 -13.75 0.41 16.81
CA ALA A 163 -13.00 1.18 17.78
C ALA A 163 -13.04 2.67 17.43
N PHE A 164 -13.02 2.98 16.13
CA PHE A 164 -13.10 4.36 15.69
C PHE A 164 -14.41 5.02 16.14
N TYR A 165 -15.56 4.39 15.87
CA TYR A 165 -16.79 5.08 16.23
C TYR A 165 -16.96 5.17 17.75
N LEU A 166 -16.47 4.17 18.49
CA LEU A 166 -16.57 4.18 19.95
C LEU A 166 -15.73 5.32 20.54
N THR A 167 -14.61 5.66 19.88
CA THR A 167 -13.67 6.64 20.43
C THR A 167 -13.95 8.04 19.88
N VAL A 168 -14.09 8.18 18.56
CA VAL A 168 -14.17 9.51 17.98
C VAL A 168 -15.48 10.20 18.38
N MET A 169 -16.55 9.41 18.53
CA MET A 169 -17.88 9.93 18.87
C MET A 169 -18.16 9.81 20.37
N SER A 170 -17.11 9.63 21.19
CA SER A 170 -17.27 9.51 22.63
C SER A 170 -17.73 10.85 23.23
N ALA A 171 -18.31 10.76 24.43
CA ALA A 171 -18.65 11.93 25.25
C ALA A 171 -17.57 12.17 26.29
N GLY A 172 -17.19 11.09 26.99
CA GLY A 172 -16.08 11.15 27.94
C GLY A 172 -14.77 10.70 27.31
N ASP A 173 -13.84 10.26 28.17
CA ASP A 173 -12.53 9.84 27.73
C ASP A 173 -12.70 8.72 26.70
N PRO A 174 -12.12 8.86 25.50
CA PRO A 174 -12.19 7.78 24.51
C PRO A 174 -11.61 6.45 25.01
N LEU A 175 -10.72 6.50 26.03
CA LEU A 175 -10.22 5.28 26.67
C LEU A 175 -11.34 4.33 27.08
N ARG A 176 -12.52 4.86 27.44
CA ARG A 176 -13.57 4.05 28.02
C ARG A 176 -14.20 3.12 26.98
N GLY A 177 -14.02 3.42 25.69
CA GLY A 177 -14.53 2.55 24.64
C GLY A 177 -16.06 2.51 24.66
N GLU A 178 -16.68 3.69 24.84
CA GLU A 178 -18.13 3.80 24.75
C GLU A 178 -18.49 5.19 24.23
N ALA A 179 -19.60 5.23 23.49
CA ALA A 179 -20.03 6.44 22.81
C ALA A 179 -21.55 6.52 22.84
N PRO A 180 -22.12 7.71 23.11
CA PRO A 180 -23.57 7.89 23.04
C PRO A 180 -24.15 7.41 21.72
N LYS A 181 -25.24 6.64 21.81
CA LYS A 181 -25.95 6.20 20.61
C LYS A 181 -26.39 7.40 19.78
N LYS A 182 -26.83 8.48 20.44
CA LYS A 182 -27.32 9.63 19.70
C LYS A 182 -26.21 10.24 18.83
N PHE A 183 -24.95 10.18 19.29
CA PHE A 183 -23.83 10.73 18.52
C PHE A 183 -23.45 9.77 17.39
N VAL A 184 -23.29 8.50 17.72
CA VAL A 184 -22.91 7.50 16.72
C VAL A 184 -23.96 7.40 15.60
N ASN A 185 -25.25 7.51 15.95
CA ASN A 185 -26.30 7.40 14.94
C ASN A 185 -26.23 8.57 13.95
N VAL A 186 -25.99 9.78 14.44
CA VAL A 186 -25.87 10.94 13.57
C VAL A 186 -24.66 10.78 12.66
N PHE A 187 -23.55 10.30 13.24
CA PHE A 187 -22.31 10.08 12.53
C PHE A 187 -22.56 9.19 11.31
N PHE A 188 -23.22 8.04 11.50
CA PHE A 188 -23.45 7.10 10.41
C PHE A 188 -24.56 7.59 9.47
N GLN A 189 -25.70 8.02 10.05
CA GLN A 189 -26.90 8.26 9.25
C GLN A 189 -26.79 9.57 8.46
N GLU A 190 -26.07 10.55 9.00
CA GLU A 190 -25.99 11.86 8.36
C GLU A 190 -24.55 12.24 8.00
N GLU A 191 -23.55 11.48 8.47
CA GLU A 191 -22.14 11.81 8.23
C GLU A 191 -21.92 13.28 8.61
N ARG A 192 -22.31 13.54 9.85
CA ARG A 192 -22.28 14.86 10.46
C ARG A 192 -21.70 14.73 11.88
N MET A 193 -20.93 15.74 12.29
CA MET A 193 -20.47 15.84 13.66
C MET A 193 -21.64 16.33 14.51
N PRO A 194 -22.05 15.58 15.55
CA PRO A 194 -23.28 15.89 16.29
C PRO A 194 -23.12 17.05 17.29
N ILE A 195 -22.79 18.24 16.77
CA ILE A 195 -22.42 19.39 17.57
C ILE A 195 -23.63 19.93 18.33
N LYS A 196 -24.76 20.13 17.63
CA LYS A 196 -25.98 20.61 18.29
C LYS A 196 -26.43 19.62 19.36
N GLU A 197 -26.09 18.33 19.19
CA GLU A 197 -26.50 17.27 20.09
C GLU A 197 -25.60 17.20 21.33
N GLY A 198 -24.46 17.90 21.30
CA GLY A 198 -23.60 18.02 22.47
C GLY A 198 -22.21 17.42 22.27
N TRP A 199 -21.92 16.88 21.08
CA TRP A 199 -20.62 16.26 20.86
C TRP A 199 -19.53 17.32 20.78
N LYS A 200 -18.35 16.98 21.31
CA LYS A 200 -17.16 17.79 21.21
C LYS A 200 -15.97 16.90 20.86
N ARG A 201 -15.07 17.42 20.04
CA ARG A 201 -13.82 16.76 19.71
C ARG A 201 -13.14 16.28 20.99
N SER A 202 -12.65 15.03 20.98
CA SER A 202 -11.93 14.47 22.12
C SER A 202 -10.75 15.37 22.51
N THR A 203 -10.58 15.62 23.82
CA THR A 203 -9.42 16.33 24.33
C THR A 203 -8.27 15.35 24.56
N THR A 204 -8.54 14.04 24.46
CA THR A 204 -7.54 13.00 24.56
C THR A 204 -7.14 12.52 23.17
N PRO A 205 -5.84 12.48 22.84
CA PRO A 205 -5.40 11.97 21.55
C PRO A 205 -5.81 10.51 21.35
N ILE A 206 -6.34 10.24 20.15
CA ILE A 206 -6.70 8.88 19.74
C ILE A 206 -5.63 8.37 18.79
N ASN A 207 -4.82 7.41 19.26
CA ASN A 207 -3.68 6.89 18.51
C ASN A 207 -3.67 5.36 18.63
N LEU A 208 -2.66 4.72 18.04
CA LEU A 208 -2.62 3.26 18.02
C LEU A 208 -2.49 2.70 19.44
N PRO A 209 -1.64 3.26 20.33
CA PRO A 209 -1.59 2.77 21.71
C PRO A 209 -2.95 2.78 22.41
N LEU A 210 -3.78 3.81 22.16
CA LEU A 210 -5.12 3.86 22.74
C LEU A 210 -6.04 2.83 22.09
N LEU A 211 -6.00 2.73 20.76
CA LEU A 211 -6.97 1.91 20.05
C LEU A 211 -6.67 0.43 20.17
N GLY A 212 -5.39 0.07 20.27
CA GLY A 212 -4.97 -1.32 20.14
C GLY A 212 -5.71 -2.26 21.09
N PRO A 213 -5.72 -2.00 22.41
CA PRO A 213 -6.39 -2.91 23.34
C PRO A 213 -7.91 -2.94 23.15
N ILE A 214 -8.49 -1.84 22.67
CA ILE A 214 -9.91 -1.79 22.36
C ILE A 214 -10.22 -2.72 21.18
N ILE A 215 -9.45 -2.57 20.10
CA ILE A 215 -9.54 -3.42 18.92
C ILE A 215 -9.47 -4.89 19.35
N ASP A 216 -8.44 -5.24 20.15
CA ASP A 216 -8.22 -6.64 20.49
C ASP A 216 -9.36 -7.18 21.34
N ARG A 217 -9.93 -6.37 22.22
CA ARG A 217 -11.05 -6.82 23.05
C ARG A 217 -12.31 -7.00 22.20
N ILE A 218 -12.56 -6.09 21.25
CA ILE A 218 -13.69 -6.27 20.36
C ILE A 218 -13.57 -7.60 19.62
N THR A 219 -12.39 -7.87 19.05
CA THR A 219 -12.15 -9.12 18.36
C THR A 219 -12.43 -10.30 19.30
N GLU A 220 -11.87 -10.24 20.52
CA GLU A 220 -11.97 -11.37 21.42
C GLU A 220 -13.44 -11.66 21.76
N LEU A 221 -14.23 -10.63 22.04
CA LEU A 221 -15.62 -10.80 22.46
C LEU A 221 -16.51 -11.22 21.30
N SER A 222 -16.07 -11.02 20.04
CA SER A 222 -16.87 -11.30 18.87
C SER A 222 -16.93 -12.80 18.55
N ASP A 223 -16.12 -13.63 19.22
CA ASP A 223 -16.12 -15.07 18.98
C ASP A 223 -15.80 -15.30 17.50
N TRP A 224 -14.79 -14.58 16.98
CA TRP A 224 -14.35 -14.68 15.60
C TRP A 224 -13.51 -15.93 15.39
N LYS A 225 -13.75 -16.60 14.24
CA LYS A 225 -12.96 -17.76 13.86
C LYS A 225 -12.66 -17.69 12.37
N PRO A 226 -11.52 -18.22 11.91
CA PRO A 226 -11.27 -18.36 10.47
C PRO A 226 -12.29 -19.31 9.83
N THR A 227 -12.68 -18.99 8.58
CA THR A 227 -13.74 -19.71 7.88
C THR A 227 -13.29 -20.27 6.53
N GLY A 228 -12.12 -19.82 6.03
CA GLY A 228 -11.61 -20.20 4.72
C GLY A 228 -10.09 -20.04 4.67
N ASP A 229 -9.55 -19.70 3.49
CA ASP A 229 -8.11 -19.75 3.23
C ASP A 229 -7.31 -18.84 4.18
N ASN A 230 -7.90 -17.70 4.54
CA ASN A 230 -7.39 -16.82 5.57
C ASN A 230 -6.11 -16.11 5.15
N CYS A 231 -5.94 -15.83 3.85
CA CYS A 231 -4.79 -15.10 3.34
C CYS A 231 -5.09 -13.59 3.37
N GLY A 232 -4.22 -12.83 4.05
CA GLY A 232 -4.46 -11.41 4.26
C GLY A 232 -3.98 -10.53 3.11
N ALA A 233 -4.26 -10.97 1.87
CA ALA A 233 -3.75 -10.30 0.67
C ALA A 233 -4.68 -9.17 0.28
N ILE A 234 -4.12 -7.97 0.09
CA ILE A 234 -4.90 -6.82 -0.34
C ILE A 234 -4.73 -6.63 -1.85
N VAL A 235 -5.74 -5.97 -2.45
CA VAL A 235 -5.68 -5.49 -3.82
C VAL A 235 -4.76 -4.28 -3.87
N LEU A 236 -3.74 -4.30 -4.72
CA LEU A 236 -2.65 -3.33 -4.68
C LEU A 236 -2.91 -2.11 -5.55
N GLY A 237 -3.95 -2.16 -6.37
CA GLY A 237 -4.31 -1.04 -7.23
C GLY A 237 -5.59 -1.33 -8.02
N PRO A 238 -6.24 -0.31 -8.61
CA PRO A 238 -7.44 -0.53 -9.40
C PRO A 238 -7.11 -1.19 -10.74
N GLY A 239 -8.09 -1.92 -11.28
CA GLY A 239 -8.00 -2.45 -12.64
C GLY A 239 -6.97 -3.56 -12.80
N LEU A 240 -6.76 -4.34 -11.73
CA LEU A 240 -5.99 -5.57 -11.78
C LEU A 240 -6.98 -6.74 -11.61
N ALA B 1 13.66 17.45 -23.18
CA ALA B 1 15.05 17.02 -23.41
C ALA B 1 15.80 16.92 -22.07
N VAL B 2 16.36 15.74 -21.77
CA VAL B 2 17.03 15.52 -20.50
C VAL B 2 18.53 15.79 -20.66
N ASP B 3 19.09 16.60 -19.75
CA ASP B 3 20.50 16.94 -19.75
C ASP B 3 21.27 16.06 -18.76
N PHE B 4 21.89 14.99 -19.28
CA PHE B 4 22.56 14.03 -18.43
C PHE B 4 23.90 14.59 -17.97
N SER B 5 24.46 15.57 -18.71
CA SER B 5 25.68 16.24 -18.29
C SER B 5 25.47 16.95 -16.96
N ALA B 6 24.21 17.37 -16.68
CA ALA B 6 23.84 18.03 -15.44
C ALA B 6 23.49 17.03 -14.34
N HIS B 7 23.59 15.73 -14.65
CA HIS B 7 23.28 14.65 -13.72
C HIS B 7 24.45 13.67 -13.63
N PRO B 8 25.62 14.12 -13.14
CA PRO B 8 26.79 13.23 -13.04
C PRO B 8 26.59 12.18 -11.94
N TRP B 9 27.14 11.00 -12.16
CA TRP B 9 27.26 10.00 -11.12
C TRP B 9 28.19 10.50 -10.01
N LYS B 10 27.76 10.35 -8.76
CA LYS B 10 28.61 10.57 -7.60
C LYS B 10 28.38 9.44 -6.60
N ALA B 11 29.48 8.94 -6.02
CA ALA B 11 29.38 7.87 -5.05
C ALA B 11 28.59 8.35 -3.84
N PRO B 12 27.68 7.53 -3.26
CA PRO B 12 26.94 7.94 -2.08
C PRO B 12 27.87 8.16 -0.89
N GLY B 13 27.60 9.21 -0.13
CA GLY B 13 28.32 9.48 1.10
C GLY B 13 27.83 8.61 2.25
N PRO B 14 28.45 8.74 3.44
CA PRO B 14 28.18 7.81 4.53
C PRO B 14 26.79 7.96 5.14
N ASN B 15 26.16 9.13 4.93
CA ASN B 15 24.86 9.43 5.49
C ASN B 15 23.78 9.44 4.39
N ASP B 16 24.13 8.99 3.18
CA ASP B 16 23.17 8.94 2.07
C ASP B 16 22.40 7.62 2.15
N SER B 17 21.07 7.70 2.12
CA SER B 17 20.25 6.51 2.23
C SER B 17 20.20 5.80 0.88
N ARG B 18 20.49 4.49 0.88
CA ARG B 18 20.37 3.67 -0.31
C ARG B 18 19.61 2.41 0.07
N GLY B 19 18.93 1.82 -0.91
CA GLY B 19 18.04 0.70 -0.63
C GLY B 19 18.41 -0.55 -1.40
N PRO B 20 17.48 -1.52 -1.50
CA PRO B 20 17.71 -2.77 -2.23
C PRO B 20 17.47 -2.69 -3.73
N CYS B 21 17.05 -1.51 -4.22
CA CYS B 21 16.67 -1.34 -5.61
C CYS B 21 17.76 -0.62 -6.40
N PRO B 22 18.43 -1.27 -7.37
CA PRO B 22 19.44 -0.58 -8.18
C PRO B 22 18.84 0.52 -9.05
N GLY B 23 17.55 0.38 -9.43
CA GLY B 23 16.93 1.41 -10.25
C GLY B 23 16.86 2.75 -9.53
N LEU B 24 16.30 2.73 -8.31
CA LEU B 24 16.16 3.96 -7.55
C LEU B 24 17.53 4.44 -7.05
N ASN B 25 18.40 3.51 -6.65
CA ASN B 25 19.72 3.90 -6.16
C ASN B 25 20.49 4.62 -7.25
N THR B 26 20.41 4.12 -8.48
CA THR B 26 21.11 4.73 -9.60
C THR B 26 20.56 6.13 -9.87
N LEU B 27 19.23 6.30 -9.83
CA LEU B 27 18.66 7.62 -10.03
C LEU B 27 19.17 8.59 -8.97
N ALA B 28 19.28 8.14 -7.71
CA ALA B 28 19.79 8.99 -6.63
C ALA B 28 21.27 9.32 -6.88
N ASN B 29 22.04 8.35 -7.37
CA ASN B 29 23.48 8.55 -7.55
C ASN B 29 23.78 9.53 -8.68
N HIS B 30 22.75 9.84 -9.50
CA HIS B 30 22.85 10.82 -10.56
C HIS B 30 22.06 12.09 -10.25
N GLY B 31 21.47 12.19 -9.05
CA GLY B 31 20.71 13.38 -8.66
C GLY B 31 19.37 13.55 -9.38
N PHE B 32 18.86 12.50 -10.04
CA PHE B 32 17.50 12.53 -10.56
C PHE B 32 16.51 12.39 -9.39
N LEU B 33 16.90 11.61 -8.38
CA LEU B 33 16.32 11.69 -7.05
C LEU B 33 17.33 12.39 -6.14
N PRO B 34 16.90 12.94 -4.99
CA PRO B 34 17.86 13.54 -4.04
C PRO B 34 19.02 12.60 -3.74
N ARG B 35 20.25 13.13 -3.82
CA ARG B 35 21.42 12.30 -3.63
C ARG B 35 21.45 11.70 -2.22
N ASN B 36 20.80 12.35 -1.24
CA ASN B 36 20.79 11.83 0.12
C ASN B 36 19.81 10.68 0.28
N GLY B 37 19.01 10.41 -0.76
CA GLY B 37 18.12 9.27 -0.74
C GLY B 37 16.96 9.40 0.26
N ARG B 38 16.63 10.64 0.67
CA ARG B 38 15.65 10.86 1.73
C ARG B 38 14.49 11.74 1.23
N ASN B 39 13.36 11.62 1.92
CA ASN B 39 12.15 12.39 1.68
C ASN B 39 11.76 12.32 0.20
N ILE B 40 11.67 11.08 -0.30
CA ILE B 40 11.36 10.78 -1.68
C ILE B 40 9.88 10.40 -1.80
N SER B 41 9.16 11.11 -2.68
CA SER B 41 7.73 10.95 -2.89
C SER B 41 7.48 10.19 -4.18
N VAL B 42 6.23 9.73 -4.39
CA VAL B 42 5.89 9.06 -5.63
C VAL B 42 6.01 10.03 -6.81
N PRO B 43 5.53 11.31 -6.74
CA PRO B 43 5.75 12.24 -7.83
C PRO B 43 7.22 12.40 -8.21
N MET B 44 8.11 12.40 -7.20
CA MET B 44 9.54 12.49 -7.46
C MET B 44 10.04 11.26 -8.20
N ILE B 45 9.55 10.07 -7.81
CA ILE B 45 9.94 8.84 -8.47
C ILE B 45 9.44 8.82 -9.91
N VAL B 46 8.19 9.25 -10.14
CA VAL B 46 7.62 9.32 -11.48
C VAL B 46 8.49 10.20 -12.39
N LYS B 47 8.83 11.41 -11.90
CA LYS B 47 9.62 12.33 -12.70
C LYS B 47 11.02 11.77 -12.94
N ALA B 48 11.65 11.22 -11.90
CA ALA B 48 13.02 10.72 -12.00
C ALA B 48 13.10 9.54 -12.96
N GLY B 49 12.14 8.60 -12.87
CA GLY B 49 12.15 7.46 -13.75
C GLY B 49 11.93 7.84 -15.21
N PHE B 50 11.09 8.85 -15.44
CA PHE B 50 10.87 9.36 -16.77
C PHE B 50 12.15 9.99 -17.32
N GLU B 51 12.74 10.90 -16.54
CA GLU B 51 13.90 11.64 -17.01
C GLU B 51 15.10 10.72 -17.22
N GLY B 52 15.34 9.83 -16.26
CA GLY B 52 16.51 8.98 -16.27
C GLY B 52 16.41 7.83 -17.27
N TYR B 53 15.23 7.18 -17.34
CA TYR B 53 15.11 5.88 -17.99
C TYR B 53 14.01 5.81 -19.06
N ASN B 54 13.18 6.84 -19.16
CA ASN B 54 11.97 6.85 -19.99
C ASN B 54 10.99 5.77 -19.51
N VAL B 55 10.97 5.52 -18.20
CA VAL B 55 9.96 4.66 -17.59
C VAL B 55 8.74 5.52 -17.26
N GLN B 56 7.56 5.01 -17.61
CA GLN B 56 6.32 5.79 -17.56
C GLN B 56 5.63 5.69 -16.20
N SER B 57 4.59 6.52 -16.03
CA SER B 57 3.97 6.71 -14.73
C SER B 57 3.10 5.53 -14.32
N ASP B 58 2.63 4.73 -15.29
CA ASP B 58 1.77 3.59 -14.98
C ASP B 58 2.46 2.68 -13.95
N ILE B 59 3.68 2.24 -14.26
CA ILE B 59 4.35 1.30 -13.39
C ILE B 59 4.86 2.00 -12.13
N LEU B 60 5.31 3.26 -12.28
CA LEU B 60 5.95 3.92 -11.14
C LEU B 60 4.94 4.39 -10.10
N ILE B 61 3.70 4.73 -10.51
CA ILE B 61 2.68 5.06 -9.54
C ILE B 61 2.29 3.81 -8.76
N LEU B 62 2.08 2.71 -9.47
CA LEU B 62 1.65 1.45 -8.88
C LEU B 62 2.70 0.96 -7.87
N ALA B 63 3.96 0.85 -8.31
CA ALA B 63 5.02 0.35 -7.45
C ALA B 63 5.37 1.39 -6.39
N GLY B 64 5.38 2.67 -6.78
CA GLY B 64 5.73 3.73 -5.87
C GLY B 64 4.83 3.77 -4.63
N LYS B 65 3.50 3.68 -4.81
CA LYS B 65 2.59 3.77 -3.68
C LYS B 65 2.72 2.54 -2.79
N VAL B 66 3.02 1.35 -3.35
CA VAL B 66 3.30 0.20 -2.53
C VAL B 66 4.57 0.45 -1.71
N GLY B 67 5.59 1.03 -2.38
CA GLY B 67 6.85 1.35 -1.70
C GLY B 67 6.67 2.34 -0.55
N MET B 68 5.71 3.27 -0.69
CA MET B 68 5.45 4.25 0.36
C MET B 68 5.05 3.58 1.68
N LEU B 69 4.46 2.37 1.62
CA LEU B 69 4.01 1.67 2.82
C LEU B 69 5.17 1.37 3.76
N THR B 70 6.41 1.32 3.25
CA THR B 70 7.56 0.85 4.03
C THR B 70 8.07 1.88 5.04
N SER B 71 7.65 3.15 4.91
CA SER B 71 8.09 4.18 5.85
C SER B 71 7.03 4.50 6.90
N ARG B 72 7.41 5.33 7.89
CA ARG B 72 6.48 5.86 8.89
C ARG B 72 6.00 7.26 8.53
N GLU B 73 6.37 7.77 7.34
CA GLU B 73 6.03 9.12 6.94
C GLU B 73 4.77 9.13 6.07
N ALA B 74 4.12 10.30 5.97
CA ALA B 74 2.82 10.41 5.32
C ALA B 74 2.90 10.13 3.81
N ASP B 75 3.94 10.61 3.11
CA ASP B 75 3.98 10.57 1.65
C ASP B 75 5.40 10.50 1.09
N THR B 76 6.37 10.06 1.89
CA THR B 76 7.75 9.91 1.44
C THR B 76 8.36 8.68 2.09
N ILE B 77 9.49 8.24 1.52
CA ILE B 77 10.35 7.22 2.07
C ILE B 77 11.80 7.71 2.04
N SER B 78 12.64 7.00 2.79
CA SER B 78 14.06 6.93 2.51
CA SER B 78 14.07 6.93 2.52
C SER B 78 14.28 5.67 1.68
N LEU B 79 15.28 5.69 0.80
CA LEU B 79 15.50 4.51 -0.04
C LEU B 79 15.74 3.26 0.81
N GLU B 80 16.43 3.40 1.95
CA GLU B 80 16.72 2.23 2.77
C GLU B 80 15.43 1.60 3.30
N ASP B 81 14.38 2.39 3.50
CA ASP B 81 13.11 1.87 4.01
C ASP B 81 12.60 0.71 3.14
N LEU B 82 12.89 0.74 1.84
CA LEU B 82 12.37 -0.27 0.91
C LEU B 82 12.90 -1.67 1.19
N LYS B 83 13.87 -1.82 2.10
CA LYS B 83 14.34 -3.14 2.48
C LYS B 83 13.29 -3.90 3.29
N LEU B 84 12.18 -3.26 3.70
CA LEU B 84 11.22 -3.91 4.56
C LEU B 84 10.75 -5.21 3.93
N HIS B 85 11.03 -6.33 4.60
CA HIS B 85 10.79 -7.62 4.00
C HIS B 85 9.29 -7.87 3.90
N GLY B 86 8.85 -8.29 2.70
CA GLY B 86 7.48 -8.72 2.50
C GLY B 86 6.53 -7.60 2.09
N THR B 87 7.01 -6.37 1.88
CA THR B 87 6.23 -5.38 1.18
C THR B 87 6.51 -5.57 -0.31
N ILE B 88 7.65 -5.04 -0.79
CA ILE B 88 8.16 -5.37 -2.12
C ILE B 88 9.36 -6.31 -1.98
N GLU B 89 10.26 -6.01 -1.03
CA GLU B 89 11.48 -6.79 -0.87
C GLU B 89 11.14 -8.26 -0.65
N HIS B 90 11.89 -9.12 -1.32
CA HIS B 90 11.59 -10.54 -1.41
C HIS B 90 12.88 -11.36 -1.41
N ASP B 91 12.71 -12.65 -1.10
CA ASP B 91 13.77 -13.64 -1.22
C ASP B 91 14.08 -13.90 -2.69
N ALA B 92 15.21 -14.57 -2.94
CA ALA B 92 15.68 -14.90 -4.28
C ALA B 92 15.82 -13.62 -5.12
N SER B 93 16.48 -12.62 -4.54
CA SER B 93 16.92 -11.44 -5.27
C SER B 93 18.11 -11.79 -6.18
N LEU B 94 18.37 -10.94 -7.16
CA LEU B 94 19.44 -11.14 -8.12
C LEU B 94 20.81 -10.77 -7.54
N SER B 95 20.84 -9.86 -6.56
CA SER B 95 22.11 -9.26 -6.12
C SER B 95 22.16 -9.02 -4.62
N ARG B 96 21.12 -9.43 -3.87
CA ARG B 96 21.04 -9.31 -2.42
C ARG B 96 20.79 -10.69 -1.83
N GLU B 97 21.06 -10.85 -0.54
CA GLU B 97 20.82 -12.09 0.17
C GLU B 97 19.39 -12.07 0.74
N ASP B 98 18.85 -13.26 1.03
CA ASP B 98 17.60 -13.39 1.75
C ASP B 98 17.76 -12.89 3.19
N VAL B 99 16.77 -12.13 3.68
CA VAL B 99 16.87 -11.46 4.96
C VAL B 99 17.06 -12.48 6.09
N ALA B 100 16.48 -13.69 5.98
CA ALA B 100 16.55 -14.67 7.04
C ALA B 100 17.97 -15.21 7.23
N ILE B 101 18.81 -15.15 6.17
CA ILE B 101 20.13 -15.76 6.21
C ILE B 101 21.22 -14.75 5.83
N GLY B 102 20.89 -13.48 5.71
CA GLY B 102 21.90 -12.49 5.35
C GLY B 102 21.33 -11.10 5.15
N ASP B 103 22.06 -10.31 4.37
CA ASP B 103 21.86 -8.89 4.17
C ASP B 103 20.96 -8.69 2.94
N ASN B 104 19.73 -8.20 3.15
CA ASN B 104 18.76 -8.07 2.08
C ASN B 104 18.80 -6.68 1.46
N LEU B 105 19.81 -5.87 1.84
CA LEU B 105 19.87 -4.44 1.50
C LEU B 105 20.96 -4.16 0.47
N HIS B 106 22.20 -4.60 0.74
CA HIS B 106 23.38 -4.20 -0.02
C HIS B 106 23.68 -5.15 -1.18
N PHE B 107 24.24 -4.57 -2.25
CA PHE B 107 24.77 -5.34 -3.37
C PHE B 107 25.78 -6.35 -2.84
N ASN B 108 25.66 -7.60 -3.30
CA ASN B 108 26.54 -8.69 -2.89
C ASN B 108 27.08 -9.36 -4.15
N GLU B 109 28.39 -9.26 -4.36
CA GLU B 109 29.01 -9.76 -5.58
C GLU B 109 28.82 -11.27 -5.70
N ALA B 110 28.91 -12.01 -4.60
CA ALA B 110 28.80 -13.47 -4.63
C ALA B 110 27.42 -13.90 -5.11
N ILE B 111 26.36 -13.21 -4.65
CA ILE B 111 25.01 -13.48 -5.15
C ILE B 111 24.95 -13.16 -6.63
N PHE B 112 25.49 -12.00 -7.03
CA PHE B 112 25.39 -11.47 -8.38
C PHE B 112 26.08 -12.38 -9.41
N THR B 113 26.99 -13.26 -8.95
CA THR B 113 27.72 -14.16 -9.83
C THR B 113 26.77 -14.93 -10.77
N THR B 114 25.62 -15.36 -10.27
CA THR B 114 24.69 -16.14 -11.07
C THR B 114 24.27 -15.32 -12.29
N LEU B 115 23.81 -14.08 -12.07
CA LEU B 115 23.45 -13.22 -13.18
C LEU B 115 24.66 -12.94 -14.07
N ALA B 116 25.79 -12.60 -13.45
CA ALA B 116 27.00 -12.22 -14.19
C ALA B 116 27.45 -13.33 -15.14
N ASN B 117 27.24 -14.59 -14.73
CA ASN B 117 27.67 -15.76 -15.48
C ASN B 117 26.61 -16.29 -16.44
N SER B 118 25.44 -15.63 -16.50
CA SER B 118 24.36 -16.10 -17.35
C SER B 118 24.60 -15.73 -18.82
N ASN B 119 23.86 -16.39 -19.71
CA ASN B 119 23.95 -16.25 -21.15
C ASN B 119 25.41 -16.36 -21.61
N PRO B 120 26.11 -17.46 -21.28
CA PRO B 120 27.47 -17.66 -21.77
C PRO B 120 27.52 -17.62 -23.29
N GLY B 121 28.55 -16.95 -23.84
CA GLY B 121 28.81 -16.94 -25.26
C GLY B 121 28.09 -15.82 -26.01
N ALA B 122 27.38 -14.95 -25.28
CA ALA B 122 26.79 -13.76 -25.87
C ALA B 122 27.22 -12.55 -25.06
N ASP B 123 27.11 -11.35 -25.64
CA ASP B 123 27.49 -10.13 -24.93
C ASP B 123 26.24 -9.39 -24.43
N VAL B 124 25.08 -10.08 -24.45
CA VAL B 124 23.85 -9.54 -23.89
C VAL B 124 23.27 -10.55 -22.89
N TYR B 125 22.47 -10.02 -21.93
CA TYR B 125 21.50 -10.81 -21.19
C TYR B 125 20.17 -10.71 -21.93
N ASN B 126 19.34 -11.75 -21.89
CA ASN B 126 18.09 -11.73 -22.63
C ASN B 126 17.02 -12.47 -21.83
N ILE B 127 15.85 -12.70 -22.45
CA ILE B 127 14.73 -13.27 -21.71
C ILE B 127 15.05 -14.67 -21.21
N SER B 128 15.68 -15.53 -22.04
CA SER B 128 15.94 -16.89 -21.62
CA SER B 128 15.96 -16.90 -21.63
C SER B 128 17.00 -16.93 -20.51
N SER B 129 18.04 -16.10 -20.61
CA SER B 129 19.04 -16.04 -19.54
C SER B 129 18.42 -15.50 -18.25
N ALA B 130 17.57 -14.47 -18.37
CA ALA B 130 16.93 -13.91 -17.19
C ALA B 130 16.09 -14.96 -16.47
N ALA B 131 15.39 -15.80 -17.24
CA ALA B 131 14.55 -16.86 -16.68
C ALA B 131 15.40 -17.90 -15.96
N GLN B 132 16.52 -18.29 -16.58
CA GLN B 132 17.43 -19.26 -15.99
C GLN B 132 17.97 -18.75 -14.65
N VAL B 133 18.34 -17.47 -14.61
CA VAL B 133 18.84 -16.85 -13.39
C VAL B 133 17.77 -16.90 -12.31
N GLN B 134 16.52 -16.52 -12.64
CA GLN B 134 15.47 -16.57 -11.63
C GLN B 134 15.27 -17.99 -11.11
N HIS B 135 15.27 -18.99 -12.00
CA HIS B 135 15.15 -20.38 -11.59
C HIS B 135 16.25 -20.74 -10.58
N ASP B 136 17.48 -20.38 -10.91
CA ASP B 136 18.66 -20.75 -10.13
C ASP B 136 18.67 -20.01 -8.80
N ARG B 137 18.29 -18.73 -8.80
CA ARG B 137 18.26 -17.96 -7.57
C ARG B 137 17.20 -18.50 -6.61
N LEU B 138 16.02 -18.85 -7.15
CA LEU B 138 14.97 -19.42 -6.32
C LEU B 138 15.42 -20.76 -5.75
N ALA B 139 16.02 -21.61 -6.59
CA ALA B 139 16.52 -22.90 -6.12
C ALA B 139 17.51 -22.71 -4.97
N ASP B 140 18.39 -21.70 -5.07
CA ASP B 140 19.34 -21.40 -4.02
C ASP B 140 18.62 -21.06 -2.71
N SER B 141 17.59 -20.20 -2.78
CA SER B 141 16.83 -19.83 -1.60
C SER B 141 16.12 -21.05 -1.00
N VAL B 142 15.52 -21.90 -1.84
CA VAL B 142 14.80 -23.07 -1.36
C VAL B 142 15.79 -24.01 -0.66
N ALA B 143 17.03 -24.08 -1.17
CA ALA B 143 18.04 -24.96 -0.59
C ALA B 143 18.53 -24.45 0.77
N ARG B 144 18.72 -23.12 0.89
CA ARG B 144 19.52 -22.58 1.99
C ARG B 144 18.69 -21.77 2.98
N ASN B 145 17.45 -21.40 2.61
CA ASN B 145 16.62 -20.59 3.47
C ASN B 145 15.35 -21.35 3.83
N PRO B 146 15.25 -21.92 5.05
CA PRO B 146 14.04 -22.65 5.46
C PRO B 146 12.80 -21.77 5.59
N ASN B 147 12.99 -20.45 5.62
CA ASN B 147 11.88 -19.51 5.76
C ASN B 147 11.56 -18.80 4.43
N VAL B 148 12.00 -19.37 3.31
CA VAL B 148 11.79 -18.76 2.00
C VAL B 148 10.30 -18.50 1.77
N THR B 149 10.00 -17.32 1.21
CA THR B 149 8.68 -16.95 0.75
C THR B 149 8.74 -16.82 -0.76
N ASN B 150 7.86 -17.57 -1.43
CA ASN B 150 7.85 -17.69 -2.87
C ASN B 150 6.41 -17.91 -3.34
N THR B 151 5.79 -16.84 -3.85
CA THR B 151 4.37 -16.79 -4.16
C THR B 151 4.16 -16.25 -5.57
N ASP B 152 2.91 -16.30 -6.07
CA ASP B 152 2.56 -15.67 -7.33
C ASP B 152 3.06 -14.22 -7.34
N LEU B 153 2.86 -13.53 -6.22
CA LEU B 153 3.22 -12.11 -6.14
C LEU B 153 4.73 -11.93 -6.20
N THR B 154 5.50 -12.69 -5.39
CA THR B 154 6.95 -12.48 -5.41
C THR B 154 7.52 -12.87 -6.78
N ALA B 155 6.95 -13.90 -7.40
CA ALA B 155 7.39 -14.35 -8.71
C ALA B 155 7.17 -13.27 -9.75
N THR B 156 6.01 -12.59 -9.68
CA THR B 156 5.70 -11.51 -10.61
C THR B 156 6.64 -10.33 -10.39
N ILE B 157 6.87 -9.95 -9.13
CA ILE B 157 7.78 -8.86 -8.82
C ILE B 157 9.17 -9.18 -9.37
N ARG B 158 9.64 -10.41 -9.13
CA ARG B 158 10.96 -10.83 -9.60
C ARG B 158 11.08 -10.72 -11.13
N SER B 159 10.09 -11.21 -11.88
CA SER B 159 10.14 -11.09 -13.34
C SER B 159 10.07 -9.63 -13.77
N SER B 160 9.32 -8.80 -13.04
CA SER B 160 9.25 -7.37 -13.32
C SER B 160 10.63 -6.74 -13.20
N GLU B 161 11.37 -7.13 -12.17
CA GLU B 161 12.71 -6.61 -11.94
C GLU B 161 13.67 -7.05 -13.04
N SER B 162 13.61 -8.32 -13.45
CA SER B 162 14.41 -8.78 -14.58
C SER B 162 14.05 -8.02 -15.84
N ALA B 163 12.75 -7.81 -16.09
CA ALA B 163 12.31 -7.05 -17.24
C ALA B 163 12.85 -5.62 -17.20
N PHE B 164 12.96 -5.05 -15.99
CA PHE B 164 13.49 -3.71 -15.84
C PHE B 164 14.95 -3.64 -16.32
N TYR B 165 15.80 -4.57 -15.87
CA TYR B 165 17.20 -4.43 -16.26
C TYR B 165 17.37 -4.70 -17.75
N LEU B 166 16.57 -5.62 -18.33
CA LEU B 166 16.64 -5.91 -19.75
C LEU B 166 16.22 -4.72 -20.61
N THR B 167 15.30 -3.89 -20.12
CA THR B 167 14.71 -2.81 -20.89
C THR B 167 15.45 -1.49 -20.62
N VAL B 168 15.63 -1.14 -19.35
CA VAL B 168 16.14 0.17 -19.02
C VAL B 168 17.60 0.30 -19.46
N MET B 169 18.34 -0.81 -19.39
CA MET B 169 19.76 -0.85 -19.73
C MET B 169 19.98 -1.38 -21.16
N SER B 170 18.94 -1.34 -22.00
CA SER B 170 19.05 -1.82 -23.36
C SER B 170 19.92 -0.86 -24.19
N ALA B 171 20.46 -1.38 -25.30
CA ALA B 171 21.12 -0.60 -26.33
C ALA B 171 20.13 -0.32 -27.46
N GLY B 172 19.41 -1.38 -27.87
CA GLY B 172 18.41 -1.31 -28.91
C GLY B 172 17.04 -0.96 -28.34
N ASP B 173 16.00 -1.17 -29.17
CA ASP B 173 14.63 -0.98 -28.73
C ASP B 173 14.42 -1.85 -27.50
N PRO B 174 13.94 -1.27 -26.36
CA PRO B 174 13.66 -2.07 -25.17
C PRO B 174 12.66 -3.21 -25.42
N LEU B 175 11.83 -3.09 -26.47
CA LEU B 175 10.93 -4.15 -26.90
C LEU B 175 11.63 -5.50 -26.99
N ARG B 176 12.91 -5.50 -27.38
CA ARG B 176 13.60 -6.73 -27.74
C ARG B 176 13.91 -7.58 -26.50
N GLY B 177 13.86 -6.98 -25.31
CA GLY B 177 14.14 -7.73 -24.09
C GLY B 177 15.55 -8.29 -24.04
N GLU B 178 16.53 -7.47 -24.44
CA GLU B 178 17.93 -7.83 -24.26
C GLU B 178 18.74 -6.56 -23.99
N ALA B 179 19.80 -6.72 -23.20
CA ALA B 179 20.63 -5.61 -22.77
C ALA B 179 22.09 -6.04 -22.71
N PRO B 180 23.02 -5.17 -23.16
CA PRO B 180 24.45 -5.47 -23.05
C PRO B 180 24.85 -5.82 -21.62
N LYS B 181 25.64 -6.88 -21.49
CA LYS B 181 26.16 -7.28 -20.19
C LYS B 181 26.97 -6.14 -19.58
N LYS B 182 27.74 -5.42 -20.43
CA LYS B 182 28.58 -4.35 -19.91
C LYS B 182 27.73 -3.27 -19.25
N PHE B 183 26.52 -3.02 -19.76
CA PHE B 183 25.64 -2.00 -19.20
C PHE B 183 24.99 -2.51 -17.91
N VAL B 184 24.40 -3.71 -17.98
CA VAL B 184 23.73 -4.29 -16.82
C VAL B 184 24.70 -4.48 -15.65
N ASN B 185 25.95 -4.88 -15.93
CA ASN B 185 26.90 -5.13 -14.86
C ASN B 185 27.23 -3.82 -14.12
N VAL B 186 27.39 -2.72 -14.86
CA VAL B 186 27.68 -1.44 -14.23
C VAL B 186 26.48 -0.98 -13.41
N PHE B 187 25.28 -1.19 -13.97
CA PHE B 187 24.04 -0.83 -13.30
C PHE B 187 23.99 -1.46 -11.90
N PHE B 188 24.23 -2.78 -11.81
CA PHE B 188 24.13 -3.48 -10.54
C PHE B 188 25.34 -3.20 -9.64
N GLN B 189 26.54 -3.30 -10.22
CA GLN B 189 27.76 -3.31 -9.43
C GLN B 189 28.11 -1.92 -8.93
N GLU B 190 27.75 -0.87 -9.69
CA GLU B 190 28.12 0.50 -9.33
C GLU B 190 26.90 1.41 -9.16
N GLU B 191 25.69 0.93 -9.49
CA GLU B 191 24.49 1.75 -9.43
C GLU B 191 24.77 3.08 -10.14
N ARG B 192 25.20 2.93 -11.38
CA ARG B 192 25.60 4.01 -12.26
C ARG B 192 24.99 3.77 -13.65
N MET B 193 24.57 4.87 -14.30
CA MET B 193 24.20 4.81 -15.70
C MET B 193 25.47 4.69 -16.53
N PRO B 194 25.60 3.63 -17.37
CA PRO B 194 26.85 3.36 -18.08
C PRO B 194 27.07 4.24 -19.31
N ILE B 195 27.17 5.56 -19.08
CA ILE B 195 27.22 6.57 -20.13
C ILE B 195 28.55 6.48 -20.88
N LYS B 196 29.67 6.42 -20.14
CA LYS B 196 30.98 6.32 -20.80
C LYS B 196 31.07 5.02 -21.60
N GLU B 197 30.30 3.99 -21.19
CA GLU B 197 30.31 2.70 -21.85
C GLU B 197 29.44 2.67 -23.10
N GLY B 198 28.62 3.72 -23.32
CA GLY B 198 27.85 3.89 -24.54
C GLY B 198 26.33 3.88 -24.33
N TRP B 199 25.87 3.73 -23.08
CA TRP B 199 24.43 3.65 -22.81
C TRP B 199 23.78 5.03 -23.01
N LYS B 200 22.55 5.02 -23.53
CA LYS B 200 21.71 6.19 -23.62
C LYS B 200 20.29 5.82 -23.19
N ARG B 201 19.62 6.78 -22.54
CA ARG B 201 18.22 6.67 -22.17
C ARG B 201 17.42 6.20 -23.39
N SER B 202 16.54 5.21 -23.17
CA SER B 202 15.65 4.72 -24.20
C SER B 202 14.83 5.87 -24.81
N THR B 203 14.73 5.88 -26.14
CA THR B 203 13.86 6.82 -26.84
C THR B 203 12.45 6.24 -26.96
N THR B 204 12.29 4.95 -26.61
CA THR B 204 11.00 4.29 -26.56
C THR B 204 10.48 4.28 -25.12
N PRO B 205 9.24 4.74 -24.86
CA PRO B 205 8.67 4.68 -23.51
C PRO B 205 8.57 3.24 -22.98
N ILE B 206 9.00 3.06 -21.73
CA ILE B 206 8.91 1.77 -21.06
C ILE B 206 7.74 1.84 -20.08
N ASN B 207 6.68 1.08 -20.39
CA ASN B 207 5.42 1.13 -19.65
C ASN B 207 4.92 -0.29 -19.46
N LEU B 208 3.72 -0.45 -18.85
CA LEU B 208 3.21 -1.78 -18.54
C LEU B 208 2.94 -2.56 -19.82
N PRO B 209 2.34 -1.97 -20.88
CA PRO B 209 2.15 -2.69 -22.13
C PRO B 209 3.43 -3.26 -22.72
N LEU B 210 4.55 -2.53 -22.60
CA LEU B 210 5.83 -3.01 -23.11
C LEU B 210 6.37 -4.11 -22.20
N LEU B 211 6.30 -3.92 -20.88
CA LEU B 211 6.93 -4.85 -19.94
C LEU B 211 6.16 -6.16 -19.84
N GLY B 212 4.82 -6.10 -19.96
CA GLY B 212 3.99 -7.23 -19.62
C GLY B 212 4.37 -8.54 -20.31
N PRO B 213 4.51 -8.57 -21.65
CA PRO B 213 4.88 -9.79 -22.35
C PRO B 213 6.27 -10.29 -21.98
N ILE B 214 7.18 -9.38 -21.66
CA ILE B 214 8.52 -9.76 -21.22
C ILE B 214 8.44 -10.47 -19.87
N ILE B 215 7.74 -9.85 -18.91
CA ILE B 215 7.50 -10.44 -17.61
C ILE B 215 6.93 -11.85 -17.76
N ASP B 216 5.87 -12.00 -18.58
CA ASP B 216 5.15 -13.26 -18.67
C ASP B 216 6.08 -14.34 -19.26
N ARG B 217 6.89 -13.95 -20.25
CA ARG B 217 7.77 -14.91 -20.92
C ARG B 217 8.89 -15.35 -19.98
N ILE B 218 9.45 -14.41 -19.20
CA ILE B 218 10.47 -14.76 -18.23
C ILE B 218 9.90 -15.78 -17.25
N THR B 219 8.71 -15.51 -16.72
CA THR B 219 8.08 -16.44 -15.80
C THR B 219 7.91 -17.81 -16.48
N GLU B 220 7.40 -17.81 -17.71
CA GLU B 220 7.10 -19.08 -18.39
C GLU B 220 8.37 -19.92 -18.53
N LEU B 221 9.48 -19.30 -18.90
CA LEU B 221 10.73 -20.01 -19.15
C LEU B 221 11.43 -20.45 -17.87
N SER B 222 11.04 -19.92 -16.71
CA SER B 222 11.77 -20.11 -15.46
C SER B 222 11.42 -21.42 -14.73
N ASP B 223 10.47 -22.21 -15.25
CA ASP B 223 10.06 -23.46 -14.61
C ASP B 223 9.67 -23.22 -13.16
N TRP B 224 8.78 -22.25 -12.95
CA TRP B 224 8.45 -21.75 -11.62
C TRP B 224 7.29 -22.56 -11.03
N LYS B 225 7.36 -22.77 -9.71
CA LYS B 225 6.24 -23.27 -8.92
C LYS B 225 6.21 -22.55 -7.58
N PRO B 226 5.03 -22.31 -7.00
CA PRO B 226 4.93 -21.67 -5.68
C PRO B 226 5.45 -22.55 -4.56
N THR B 227 5.68 -21.92 -3.40
CA THR B 227 6.06 -22.57 -2.15
C THR B 227 4.95 -22.38 -1.10
N GLY B 228 4.60 -23.47 -0.39
CA GLY B 228 3.74 -23.37 0.79
C GLY B 228 2.34 -22.83 0.49
N ASP B 229 1.87 -21.90 1.33
CA ASP B 229 0.52 -21.36 1.24
C ASP B 229 0.27 -20.63 -0.09
N ASN B 230 1.32 -20.08 -0.70
CA ASN B 230 1.17 -19.24 -1.89
C ASN B 230 0.23 -18.07 -1.60
N CYS B 231 0.50 -17.38 -0.48
CA CYS B 231 -0.34 -16.29 -0.04
C CYS B 231 0.25 -14.96 -0.50
N GLY B 232 -0.50 -14.21 -1.31
CA GLY B 232 0.01 -12.97 -1.90
C GLY B 232 -0.15 -11.74 -1.01
N ALA B 233 -0.05 -11.93 0.31
CA ALA B 233 -0.26 -10.86 1.29
C ALA B 233 1.02 -10.05 1.47
N ILE B 234 0.91 -8.72 1.39
CA ILE B 234 2.05 -7.85 1.64
C ILE B 234 1.99 -7.30 3.06
N VAL B 235 3.16 -6.92 3.57
CA VAL B 235 3.31 -6.20 4.82
C VAL B 235 2.90 -4.76 4.58
N LEU B 236 1.97 -4.26 5.41
CA LEU B 236 1.27 -3.01 5.13
C LEU B 236 1.97 -1.79 5.75
N GLY B 237 2.98 -2.03 6.59
CA GLY B 237 3.72 -0.95 7.20
C GLY B 237 4.83 -1.48 8.11
N PRO B 238 5.81 -0.65 8.51
CA PRO B 238 6.88 -1.10 9.38
C PRO B 238 6.38 -1.33 10.81
N GLY B 239 7.06 -2.21 11.53
CA GLY B 239 6.85 -2.38 12.97
C GLY B 239 5.49 -3.00 13.30
N LEU B 240 5.00 -3.88 12.41
CA LEU B 240 3.88 -4.75 12.70
C LEU B 240 4.42 -6.19 12.87
C1 NAG C . -21.94 -2.44 27.70
C2 NAG C . -21.13 -3.13 28.80
C3 NAG C . -21.97 -4.23 29.44
C4 NAG C . -23.31 -3.69 29.91
C5 NAG C . -24.01 -2.99 28.75
C6 NAG C . -25.32 -2.35 29.15
C7 NAG C . -18.71 -3.07 28.53
C8 NAG C . -17.50 -3.70 27.90
N2 NAG C . -19.87 -3.69 28.33
O3 NAG C . -21.21 -4.77 30.51
O4 NAG C . -24.13 -4.76 30.37
O5 NAG C . -23.16 -1.93 28.24
O6 NAG C . -25.10 -1.23 29.99
O7 NAG C . -18.61 -2.05 29.19
C1 NAG D . -4.88 19.06 -6.82
C2 NAG D . -5.05 20.20 -7.81
C3 NAG D . -3.70 20.73 -8.28
C4 NAG D . -2.83 21.09 -7.08
C5 NAG D . -2.76 19.88 -6.14
C6 NAG D . -1.98 20.14 -4.89
C7 NAG D . -7.16 20.09 -9.03
C8 NAG D . -7.88 19.43 -10.16
N2 NAG D . -5.86 19.79 -8.94
O3 NAG D . -3.89 21.88 -9.11
O4 NAG D . -1.55 21.51 -7.54
O5 NAG D . -4.08 19.50 -5.73
O6 NAG D . -2.57 21.20 -4.16
O7 NAG D . -7.71 20.86 -8.25
C1 NAG E . -19.07 -15.96 -6.40
C2 NAG E . -17.99 -16.18 -7.46
C3 NAG E . -18.57 -16.95 -8.64
C4 NAG E . -19.32 -18.21 -8.18
C5 NAG E . -20.35 -17.84 -7.10
C6 NAG E . -21.05 -19.04 -6.51
C7 NAG E . -16.22 -14.46 -7.49
C8 NAG E . -16.04 -12.98 -7.55
N2 NAG E . -17.41 -14.92 -7.90
O3 NAG E . -17.50 -17.29 -9.50
O4 NAG E . -19.99 -18.79 -9.29
O5 NAG E . -19.67 -17.18 -6.01
O6 NAG E . -20.14 -19.87 -5.82
O7 NAG E . -15.34 -15.20 -7.09
O1 DAO F . -11.38 3.11 8.80
O2 DAO F . -10.63 1.26 7.84
C1 DAO F . -10.54 2.14 8.70
C2 DAO F . -9.41 2.00 9.72
C3 DAO F . -8.46 0.82 9.48
C4 DAO F . -7.35 1.13 8.48
C5 DAO F . -6.78 -0.07 7.72
C6 DAO F . -5.27 -0.17 7.75
C7 DAO F . -4.71 -1.44 8.35
C8 DAO F . -5.19 -1.76 9.76
C9 DAO F . -4.68 -0.84 10.84
C10 DAO F . -5.00 -1.30 12.24
C11 DAO F . -4.14 -2.43 12.75
C12 DAO F . -4.07 -2.50 14.26
CHA HEM G . -14.86 2.28 7.05
CHB HEM G . -10.93 4.04 4.90
CHC HEM G . -10.24 6.99 8.66
CHD HEM G . -14.31 5.37 10.68
C1A HEM G . -13.89 2.56 6.14
C2A HEM G . -13.77 1.94 4.87
C3A HEM G . -12.69 2.41 4.24
C4A HEM G . -12.09 3.36 5.15
CMA HEM G . -12.24 2.02 2.86
CAA HEM G . -14.76 0.93 4.31
CBA HEM G . -14.57 -0.46 4.98
CGA HEM G . -15.85 -1.26 4.91
O1A HEM G . -16.01 -2.11 3.96
O2A HEM G . -16.79 -1.07 5.74
C1B HEM G . -10.38 4.97 5.78
C2B HEM G . -9.11 5.61 5.51
C3B HEM G . -8.91 6.46 6.55
C4B HEM G . -10.07 6.29 7.48
CMB HEM G . -8.24 5.45 4.31
CAB HEM G . -7.68 7.26 6.72
CBB HEM G . -7.13 7.22 7.88
C1C HEM G . -11.32 6.90 9.50
C2C HEM G . -11.58 7.71 10.61
C3C HEM G . -12.74 7.26 11.17
C4C HEM G . -13.21 6.13 10.43
CMC HEM G . -10.75 8.91 11.07
CAC HEM G . -13.32 7.89 12.39
CBC HEM G . -14.37 7.49 13.04
C1D HEM G . -14.77 4.32 9.86
C2D HEM G . -15.93 3.47 10.26
C3D HEM G . -16.08 2.62 9.20
C4D HEM G . -15.01 2.95 8.25
CMD HEM G . -16.75 3.57 11.51
CAD HEM G . -17.06 1.47 9.07
CBD HEM G . -18.22 1.71 8.13
CGD HEM G . -19.09 0.47 8.04
O1D HEM G . -18.63 -0.62 8.47
O2D HEM G . -20.21 0.59 7.50
NA HEM G . -12.81 3.40 6.29
NB HEM G . -10.88 5.37 6.94
NC HEM G . -12.32 5.99 9.42
ND HEM G . -14.22 3.98 8.67
FE HEM G . -12.68 4.75 7.78
C1 PEG H . -31.46 15.38 12.62
O1 PEG H . -30.66 14.60 13.53
C2 PEG H . -31.13 16.83 12.69
O2 PEG H . -30.88 17.35 11.38
C3 PEG H . -29.82 18.31 11.30
C4 PEG H . -29.25 18.33 9.91
O4 PEG H . -28.08 19.11 9.80
C1 GOL I . -21.41 0.91 -5.52
O1 GOL I . -20.71 1.83 -6.37
C2 GOL I . -20.57 -0.30 -5.20
O2 GOL I . -21.38 -1.49 -5.16
C3 GOL I . -19.38 -0.46 -6.14
O3 GOL I . -18.18 -0.85 -5.48
C1 PEG J . -11.99 -14.57 20.19
O1 PEG J . -12.92 -15.36 20.83
C2 PEG J . -12.32 -14.31 18.75
O2 PEG J . -11.16 -14.44 17.95
C3 PEG J . -9.99 -13.82 18.48
C4 PEG J . -8.78 -14.21 17.69
O4 PEG J . -8.67 -13.56 16.42
C1 GOL K . -9.29 5.06 -10.34
O1 GOL K . -10.38 4.70 -9.50
C2 GOL K . -8.89 6.51 -10.19
O2 GOL K . -8.04 6.64 -9.07
C3 GOL K . -8.18 7.09 -11.40
O3 GOL K . -8.53 8.45 -11.69
C1 PEG L . -26.67 13.38 4.24
O1 PEG L . -26.85 14.22 3.10
C2 PEG L . -25.28 12.79 4.29
O2 PEG L . -25.30 11.39 4.58
C3 PEG L . -26.48 10.71 4.19
C4 PEG L . -26.25 9.23 4.22
O4 PEG L . -25.20 8.88 5.11
MG MG M . -17.73 -2.94 3.06
S SO4 N . -14.15 10.39 -9.04
O1 SO4 N . -13.21 11.47 -8.84
O2 SO4 N . -15.49 10.87 -8.84
O3 SO4 N . -14.01 9.91 -10.40
O4 SO4 N . -13.88 9.31 -8.11
S SO4 O . -24.47 20.97 -7.31
O1 SO4 O . -25.10 20.64 -6.04
O2 SO4 O . -24.73 22.36 -7.65
O3 SO4 O . -24.98 20.09 -8.34
O4 SO4 O . -23.03 20.79 -7.18
S SO4 P . -32.70 4.55 13.76
O1 SO4 P . -32.35 5.09 15.06
O2 SO4 P . -33.00 5.65 12.85
O3 SO4 P . -31.60 3.76 13.25
O4 SO4 P . -33.88 3.70 13.86
C1 NAG Q . 19.54 -15.54 -25.57
C2 NAG Q . 18.56 -16.17 -26.57
C3 NAG Q . 18.95 -17.61 -26.86
C4 NAG Q . 20.40 -17.70 -27.32
C5 NAG Q . 21.30 -16.99 -26.31
C6 NAG Q . 22.74 -16.91 -26.78
C7 NAG Q . 16.30 -15.20 -26.48
C8 NAG Q . 14.99 -15.21 -25.75
N2 NAG Q . 17.19 -16.12 -26.12
O3 NAG Q . 18.08 -18.16 -27.82
O4 NAG Q . 20.78 -19.07 -27.40
O5 NAG Q . 20.85 -15.63 -26.11
O6 NAG Q . 22.92 -15.94 -27.79
O7 NAG Q . 16.54 -14.36 -27.36
C1 NAG R . 11.66 13.31 6.07
C2 NAG R . 10.42 13.59 6.93
C3 NAG R . 10.75 13.64 8.43
C4 NAG R . 11.43 12.37 8.87
C5 NAG R . 12.60 12.11 7.92
C6 NAG R . 13.31 10.80 8.14
C7 NAG R . 10.36 15.98 6.34
C8 NAG R . 9.90 17.25 6.97
N2 NAG R . 9.79 14.88 6.83
O3 NAG R . 9.57 13.90 9.18
O4 NAG R . 11.87 12.54 10.21
O5 NAG R . 12.12 12.07 6.55
O6 NAG R . 14.28 10.61 7.11
O7 NAG R . 11.23 15.97 5.46
CHA HEM S . 14.55 -4.37 -6.77
CHB HEM S . 15.00 -2.03 -10.97
CHC HEM S . 11.68 1.16 -9.62
CHD HEM S . 11.43 -1.02 -5.29
C1A HEM S . 14.88 -4.04 -8.05
C2A HEM S . 15.67 -4.85 -8.88
C3A HEM S . 15.80 -4.21 -10.07
C4A HEM S . 15.09 -2.97 -9.99
CMA HEM S . 16.57 -4.72 -11.26
CAA HEM S . 16.21 -6.21 -8.55
CBA HEM S . 17.38 -6.20 -7.58
CGA HEM S . 17.79 -7.60 -7.20
O1A HEM S . 18.90 -7.75 -6.65
O2A HEM S . 17.06 -8.61 -7.39
C1B HEM S . 14.17 -0.93 -10.95
C2B HEM S . 14.08 -0.01 -12.05
C3B HEM S . 13.15 0.90 -11.67
C4B HEM S . 12.68 0.49 -10.33
CMB HEM S . 14.84 -0.06 -13.35
CAB HEM S . 12.60 2.05 -12.41
CBB HEM S . 12.80 2.26 -13.68
C1C HEM S . 11.26 0.82 -8.34
C2C HEM S . 10.28 1.50 -7.59
C3C HEM S . 10.21 0.88 -6.36
C4C HEM S . 11.17 -0.18 -6.36
CMC HEM S . 9.45 2.67 -8.07
CAC HEM S . 9.43 1.23 -5.18
CBC HEM S . 9.09 2.48 -4.92
C1D HEM S . 12.33 -2.09 -5.37
C2D HEM S . 12.48 -2.99 -4.20
C3D HEM S . 13.35 -3.93 -4.64
C4D HEM S . 13.69 -3.59 -6.00
CMD HEM S . 11.84 -2.89 -2.83
CAD HEM S . 13.89 -5.11 -3.87
CBD HEM S . 13.30 -6.44 -4.34
CGD HEM S . 14.23 -7.54 -3.93
O1D HEM S . 15.15 -7.86 -4.71
O2D HEM S . 14.07 -8.11 -2.83
NA HEM S . 14.51 -2.92 -8.77
NB HEM S . 13.34 -0.60 -9.96
NC HEM S . 11.77 -0.20 -7.59
ND HEM S . 13.05 -2.47 -6.46
FE HEM S . 13.22 -1.55 -8.11
O1 DAO T . 11.33 -2.84 -8.88
O2 DAO T . 9.93 -4.00 -7.62
C1 DAO T . 10.24 -3.50 -8.71
C2 DAO T . 9.32 -3.75 -9.90
C3 DAO T . 7.86 -3.39 -9.70
C4 DAO T . 7.01 -4.52 -9.13
C5 DAO T . 5.56 -4.17 -8.82
C6 DAO T . 5.22 -4.06 -7.34
C7 DAO T . 3.85 -4.59 -6.97
C8 DAO T . 2.71 -4.17 -7.88
C9 DAO T . 1.69 -5.25 -8.12
C10 DAO T . 2.01 -6.21 -9.25
C11 DAO T . 0.84 -7.03 -9.73
C12 DAO T . 0.45 -6.73 -11.16
O1 DAO U . -0.67 -3.42 -19.94
O2 DAO U . -1.85 -5.17 -19.32
C1 DAO U . -0.76 -4.57 -19.48
C2 DAO U . 0.51 -5.30 -19.08
C3 DAO U . 0.83 -5.20 -17.62
C4 DAO U . 2.26 -5.59 -17.29
C5 DAO U . 2.44 -7.03 -16.85
C6 DAO U . 1.55 -7.47 -15.73
C7 DAO U . 2.28 -8.00 -14.54
C8 DAO U . 3.11 -6.97 -13.82
C9 DAO U . 2.39 -5.66 -13.56
C10 DAO U . 3.08 -4.74 -12.58
C11 DAO U . 4.32 -5.27 -11.89
C12 DAO U . 5.43 -4.25 -11.85
C1 GOL V . 17.97 -6.40 7.46
O1 GOL V . 17.27 -5.59 6.52
C2 GOL V . 19.38 -6.74 6.98
O2 GOL V . 19.31 -7.87 6.12
C3 GOL V . 20.09 -5.59 6.29
O3 GOL V . 19.87 -4.34 6.94
C1 GOL W . 10.69 4.40 8.09
O1 GOL W . 10.55 4.12 9.47
C2 GOL W . 10.64 5.88 7.81
O2 GOL W . 10.00 6.53 8.90
C3 GOL W . 11.99 6.52 7.54
O3 GOL W . 12.03 7.31 6.35
C1 GOL X . 34.63 3.03 -13.03
O1 GOL X . 34.11 4.35 -13.21
C2 GOL X . 34.16 2.12 -14.15
O2 GOL X . 34.97 2.32 -15.30
C3 GOL X . 34.14 0.66 -13.77
O3 GOL X . 33.31 -0.11 -14.64
MG MG Y . 15.41 -9.31 -1.73
S SO4 Z . 23.43 17.96 -7.49
O1 SO4 Z . 22.27 18.41 -6.72
O2 SO4 Z . 23.90 19.06 -8.32
O3 SO4 Z . 23.03 16.85 -8.33
O4 SO4 Z . 24.50 17.55 -6.60
#